data_3K6H
#
_entry.id   3K6H
#
_cell.length_a   127.470
_cell.length_b   127.470
_cell.length_c   150.983
_cell.angle_alpha   90.00
_cell.angle_beta   90.00
_cell.angle_gamma   90.00
#
_symmetry.space_group_name_H-M   'I 4 2 2'
#
loop_
_entity.id
_entity.type
_entity.pdbx_description
1 polymer 'Nitroreductase family protein'
2 non-polymer 'SULFATE ION'
3 non-polymer 'FLAVIN MONONUCLEOTIDE'
#
_entity_poly.entity_id   1
_entity_poly.type   'polypeptide(L)'
_entity_poly.pdbx_seq_one_letter_code
;QG(MSE)I(MSE)TSDIKLLDYLRVRRSTPALQLSEPGPSKGEIEEILRLAVRVPDHGKLAPWRFVVYRGEERVRLSEAA
LRIALEKNPDLDLQQQEAERTRFTRAPVVIAVISTAKPHFKIPEWEQV(MSE)SAGAVCLNVIFAANASGFAANWLTEWL
AFDPAFLAEIGVSAEEKVAGYIHIGSTTFPPVERPRPELADVVTWVGDV
;
_entity_poly.pdbx_strand_id   A,B
#
loop_
_chem_comp.id
_chem_comp.type
_chem_comp.name
_chem_comp.formula
FMN non-polymer 'FLAVIN MONONUCLEOTIDE' 'C17 H21 N4 O9 P'
SO4 non-polymer 'SULFATE ION' 'O4 S -2'
#
# COMPACT_ATOMS: atom_id res chain seq x y z
N THR A 6 15.45 16.56 8.80
CA THR A 6 16.73 16.42 9.48
C THR A 6 16.77 15.24 10.46
N SER A 7 15.69 15.02 11.22
CA SER A 7 15.67 14.05 12.32
C SER A 7 15.82 12.58 11.91
N ASP A 8 16.48 11.80 12.77
CA ASP A 8 16.84 10.43 12.46
C ASP A 8 16.13 9.41 13.33
N ILE A 9 15.74 8.31 12.69
CA ILE A 9 15.06 7.19 13.33
C ILE A 9 15.45 5.97 12.52
N LYS A 10 15.99 4.94 13.16
CA LYS A 10 16.35 3.74 12.41
C LYS A 10 15.09 3.22 11.73
N LEU A 11 15.23 2.58 10.57
CA LEU A 11 14.06 2.01 9.89
C LEU A 11 13.38 0.92 10.73
N LEU A 12 14.18 0.04 11.31
CA LEU A 12 13.69 -1.05 12.12
C LEU A 12 12.94 -0.61 13.39
N ASP A 13 13.39 0.44 14.05
CA ASP A 13 12.68 0.93 15.23
C ASP A 13 11.36 1.53 14.82
N TYR A 14 11.30 1.99 13.58
CA TYR A 14 10.14 2.72 13.07
C TYR A 14 9.00 1.78 12.72
N LEU A 15 9.34 0.67 12.09
CA LEU A 15 8.36 -0.32 11.70
C LEU A 15 7.70 -0.92 12.95
N ARG A 16 8.48 -0.98 14.05
CA ARG A 16 8.07 -1.56 15.33
C ARG A 16 7.19 -0.65 16.17
N VAL A 17 6.95 0.56 15.68
CA VAL A 17 6.39 1.59 16.54
C VAL A 17 5.46 2.51 15.77
N ARG A 18 5.56 2.51 14.45
CA ARG A 18 4.72 3.37 13.63
C ARG A 18 3.26 3.26 14.06
N ARG A 19 2.64 4.39 14.34
CA ARG A 19 1.26 4.41 14.79
C ARG A 19 0.59 5.69 14.31
N SER A 20 -0.54 5.54 13.63
CA SER A 20 -1.33 6.68 13.15
C SER A 20 -1.85 7.57 14.30
N THR A 21 -2.03 8.86 14.01
CA THR A 21 -2.67 9.79 14.94
C THR A 21 -4.02 10.17 14.35
N PRO A 22 -5.10 10.10 15.16
CA PRO A 22 -6.43 10.51 14.70
C PRO A 22 -6.51 12.00 14.36
N ALA A 23 -7.35 12.34 13.38
CA ALA A 23 -7.42 13.70 12.86
C ALA A 23 -7.65 14.80 13.91
N LEU A 24 -8.48 14.53 14.92
CA LEU A 24 -8.72 15.49 16.00
C LEU A 24 -7.41 15.79 16.74
N GLN A 25 -6.71 14.71 17.14
CA GLN A 25 -5.44 14.83 17.86
C GLN A 25 -4.38 15.56 17.01
N LEU A 26 -4.73 15.93 15.78
CA LEU A 26 -3.77 16.55 14.85
C LEU A 26 -3.72 18.08 14.92
N SER A 27 -2.61 18.58 15.43
CA SER A 27 -2.49 20.00 15.75
C SER A 27 -1.84 20.75 14.61
N GLU A 28 -1.53 22.03 14.84
CA GLU A 28 -0.70 22.81 13.93
C GLU A 28 0.70 22.87 14.56
N PRO A 29 1.75 23.03 13.76
CA PRO A 29 1.90 23.38 12.33
C PRO A 29 1.81 22.21 11.33
N GLY A 30 1.33 22.52 10.13
CA GLY A 30 1.44 21.61 9.00
C GLY A 30 2.82 21.72 8.40
N PRO A 31 3.01 21.28 7.14
CA PRO A 31 4.31 21.46 6.48
C PRO A 31 4.30 22.55 5.41
N SER A 32 5.47 23.12 5.14
CA SER A 32 5.62 24.09 4.08
C SER A 32 5.39 23.41 2.73
N LYS A 33 4.90 24.16 1.74
CA LYS A 33 4.79 23.62 0.38
C LYS A 33 6.07 22.90 -0.04
N GLY A 34 7.19 23.27 0.55
CA GLY A 34 8.45 22.67 0.16
C GLY A 34 8.67 21.35 0.84
N GLU A 35 8.31 21.31 2.11
CA GLU A 35 8.30 20.08 2.88
C GLU A 35 7.31 19.09 2.24
N ILE A 36 6.17 19.60 1.84
CA ILE A 36 5.13 18.79 1.20
C ILE A 36 5.57 18.26 -0.16
N GLU A 37 6.32 19.05 -0.92
CA GLU A 37 6.81 18.57 -2.21
C GLU A 37 7.83 17.47 -1.99
N GLU A 38 8.47 17.51 -0.83
CA GLU A 38 9.54 16.60 -0.48
C GLU A 38 8.92 15.27 -0.07
N ILE A 39 7.78 15.35 0.61
CA ILE A 39 7.01 14.18 1.01
C ILE A 39 6.48 13.38 -0.17
N LEU A 40 5.92 14.07 -1.16
CA LEU A 40 5.43 13.41 -2.37
C LEU A 40 6.55 12.96 -3.30
N ARG A 41 7.63 13.73 -3.36
CA ARG A 41 8.76 13.34 -4.20
C ARG A 41 9.25 11.99 -3.70
N LEU A 42 8.98 11.73 -2.43
CA LEU A 42 9.39 10.49 -1.78
C LEU A 42 8.33 9.38 -1.89
N ALA A 43 7.06 9.76 -1.77
CA ALA A 43 5.94 8.80 -1.82
C ALA A 43 5.77 8.16 -3.20
N VAL A 44 5.98 8.92 -4.27
CA VAL A 44 5.85 8.41 -5.63
C VAL A 44 6.99 7.44 -6.03
N ARG A 45 7.81 7.09 -5.04
CA ARG A 45 8.77 6.02 -5.24
C ARG A 45 8.21 4.69 -4.73
N VAL A 46 7.13 4.22 -5.37
CA VAL A 46 6.50 2.93 -5.08
C VAL A 46 6.63 1.98 -6.24
N PRO A 47 6.51 0.67 -5.93
CA PRO A 47 6.31 -0.36 -6.94
C PRO A 47 5.09 -0.02 -7.80
N ASP A 48 5.25 -0.16 -9.11
CA ASP A 48 4.26 0.30 -10.06
C ASP A 48 4.52 -0.54 -11.30
N HIS A 49 3.71 -1.57 -11.51
CA HIS A 49 3.97 -2.47 -12.65
C HIS A 49 3.58 -1.75 -13.92
N GLY A 50 4.53 -1.64 -14.84
CA GLY A 50 4.28 -0.97 -16.09
C GLY A 50 4.74 0.47 -16.12
N LYS A 51 5.18 0.97 -14.96
CA LYS A 51 5.66 2.35 -14.82
C LYS A 51 4.60 3.32 -15.32
N LEU A 52 3.41 3.28 -14.71
CA LEU A 52 2.23 3.98 -15.24
C LEU A 52 1.82 5.18 -14.40
N ALA A 53 2.24 5.16 -13.13
CA ALA A 53 1.79 6.16 -12.17
C ALA A 53 0.26 6.32 -12.22
N PRO A 54 -0.48 5.27 -11.87
CA PRO A 54 -1.95 5.32 -11.89
C PRO A 54 -2.53 6.04 -10.68
N TRP A 55 -1.90 7.12 -10.25
CA TRP A 55 -2.44 7.94 -9.19
C TRP A 55 -2.07 9.43 -9.37
N ARG A 56 -2.73 10.28 -8.59
CA ARG A 56 -2.53 11.71 -8.69
C ARG A 56 -2.88 12.29 -7.34
N PHE A 57 -2.26 13.40 -6.96
CA PHE A 57 -2.48 13.97 -5.63
C PHE A 57 -3.11 15.34 -5.70
N VAL A 58 -3.92 15.65 -4.70
CA VAL A 58 -4.46 16.98 -4.62
C VAL A 58 -4.28 17.51 -3.20
N VAL A 59 -3.41 18.49 -3.09
CA VAL A 59 -3.05 19.05 -1.80
C VAL A 59 -3.96 20.20 -1.42
N TYR A 60 -4.63 20.03 -0.28
CA TYR A 60 -5.56 21.01 0.23
C TYR A 60 -5.00 21.64 1.49
N ARG A 61 -4.77 22.95 1.45
CA ARG A 61 -4.30 23.64 2.65
C ARG A 61 -4.77 25.10 2.69
N GLY A 62 -4.71 25.70 3.85
CA GLY A 62 -5.12 27.08 4.02
C GLY A 62 -6.63 27.21 4.13
N GLU A 63 -7.14 28.35 3.67
CA GLU A 63 -8.55 28.66 3.78
C GLU A 63 -9.45 27.73 2.93
N GLU A 64 -8.89 27.13 1.88
CA GLU A 64 -9.69 26.31 0.97
C GLU A 64 -10.25 25.05 1.62
N ARG A 65 -9.61 24.62 2.71
CA ARG A 65 -10.11 23.52 3.53
C ARG A 65 -11.43 23.91 4.16
N VAL A 66 -11.44 25.11 4.74
CA VAL A 66 -12.64 25.67 5.37
C VAL A 66 -13.78 25.76 4.36
N ARG A 67 -13.46 26.10 3.12
CA ARG A 67 -14.45 26.24 2.07
C ARG A 67 -15.02 24.89 1.63
N LEU A 68 -14.16 23.88 1.57
CA LEU A 68 -14.60 22.52 1.23
C LEU A 68 -15.49 21.94 2.32
N SER A 69 -14.98 21.90 3.54
CA SER A 69 -15.78 21.50 4.69
C SER A 69 -17.19 22.12 4.71
N GLU A 70 -17.36 23.27 4.06
CA GLU A 70 -18.68 23.90 3.97
C GLU A 70 -19.46 23.29 2.83
N ALA A 71 -18.78 23.02 1.71
CA ALA A 71 -19.40 22.30 0.60
C ALA A 71 -19.87 20.92 1.09
N ALA A 72 -19.18 20.39 2.09
CA ALA A 72 -19.48 19.07 2.63
C ALA A 72 -20.62 19.15 3.63
N LEU A 73 -20.71 20.29 4.32
CA LEU A 73 -21.81 20.56 5.25
C LEU A 73 -23.09 20.77 4.44
N ARG A 74 -22.99 21.57 3.38
CA ARG A 74 -24.11 21.76 2.47
C ARG A 74 -24.64 20.42 2.00
N ILE A 75 -23.86 19.68 1.22
CA ILE A 75 -24.28 18.38 0.69
C ILE A 75 -24.90 17.50 1.76
N ALA A 76 -24.32 17.53 2.95
CA ALA A 76 -24.71 16.62 4.03
C ALA A 76 -26.12 16.86 4.53
N LEU A 77 -26.51 18.13 4.61
CA LEU A 77 -27.85 18.50 5.07
C LEU A 77 -28.90 18.32 3.97
N GLU A 78 -28.59 18.78 2.76
CA GLU A 78 -29.46 18.53 1.62
C GLU A 78 -29.67 17.04 1.47
N LYS A 79 -28.71 16.27 1.99
CA LYS A 79 -28.82 14.81 2.05
C LYS A 79 -29.84 14.42 3.11
N ASN A 80 -29.53 14.76 4.36
CA ASN A 80 -30.42 14.53 5.49
C ASN A 80 -30.95 15.86 6.02
N PRO A 81 -32.24 16.16 5.71
CA PRO A 81 -32.83 17.48 5.96
C PRO A 81 -32.13 18.22 7.09
N ASP A 82 -32.40 17.82 8.32
CA ASP A 82 -31.74 18.43 9.47
C ASP A 82 -31.80 17.53 10.71
N LEU A 83 -30.64 17.00 11.08
CA LEU A 83 -30.49 16.27 12.33
C LEU A 83 -29.29 16.79 13.11
N ASP A 84 -29.07 16.23 14.30
CA ASP A 84 -28.09 16.71 15.27
C ASP A 84 -27.18 17.86 14.82
N LEU A 85 -27.19 18.92 15.61
CA LEU A 85 -26.29 20.06 15.41
C LEU A 85 -24.84 19.64 15.62
N GLN A 86 -24.63 18.70 16.53
CA GLN A 86 -23.30 18.19 16.85
C GLN A 86 -22.66 17.61 15.60
N GLN A 87 -23.36 16.67 14.97
CA GLN A 87 -22.87 16.04 13.74
C GLN A 87 -22.54 17.08 12.69
N GLN A 88 -23.25 18.21 12.74
CA GLN A 88 -23.07 19.29 11.77
C GLN A 88 -21.72 19.99 11.92
N GLU A 89 -21.13 19.85 13.10
CA GLU A 89 -19.78 20.36 13.34
C GLU A 89 -18.75 19.45 12.67
N ALA A 90 -18.97 18.14 12.76
CA ALA A 90 -18.11 17.19 12.07
C ALA A 90 -17.89 17.63 10.62
N GLU A 91 -18.98 18.04 9.96
CA GLU A 91 -18.94 18.43 8.55
C GLU A 91 -18.27 19.79 8.35
N ARG A 92 -18.43 20.68 9.33
CA ARG A 92 -17.78 21.99 9.31
C ARG A 92 -16.26 21.84 9.45
N THR A 93 -15.84 20.86 10.23
CA THR A 93 -14.43 20.57 10.44
C THR A 93 -13.97 19.28 9.75
N ARG A 94 -14.66 18.86 8.70
CA ARG A 94 -14.25 17.64 8.00
C ARG A 94 -12.83 17.75 7.46
N PHE A 95 -12.40 18.97 7.15
CA PHE A 95 -11.11 19.17 6.48
C PHE A 95 -10.19 20.13 7.24
N THR A 96 -10.63 20.60 8.40
CA THR A 96 -9.85 21.58 9.15
C THR A 96 -9.30 21.03 10.46
N ARG A 97 -9.48 19.75 10.73
CA ARG A 97 -8.95 19.18 11.96
C ARG A 97 -7.43 19.09 11.89
N ALA A 98 -6.91 18.86 10.69
CA ALA A 98 -5.47 18.94 10.46
C ALA A 98 -5.14 20.11 9.54
N PRO A 99 -3.88 20.58 9.55
CA PRO A 99 -3.42 21.72 8.74
C PRO A 99 -3.45 21.46 7.24
N VAL A 100 -3.15 20.23 6.87
CA VAL A 100 -3.07 19.83 5.47
C VAL A 100 -3.80 18.50 5.25
N VAL A 101 -4.37 18.35 4.05
CA VAL A 101 -5.01 17.11 3.67
C VAL A 101 -4.61 16.86 2.24
N ILE A 102 -3.82 15.81 2.03
CA ILE A 102 -3.54 15.36 0.67
C ILE A 102 -4.53 14.28 0.28
N ALA A 103 -5.29 14.53 -0.77
CA ALA A 103 -6.17 13.49 -1.31
C ALA A 103 -5.39 12.67 -2.33
N VAL A 104 -5.38 11.36 -2.15
CA VAL A 104 -4.71 10.43 -3.07
C VAL A 104 -5.72 9.81 -4.01
N ILE A 105 -5.80 10.29 -5.24
CA ILE A 105 -6.73 9.76 -6.22
C ILE A 105 -6.14 8.61 -7.05
N SER A 106 -6.85 7.47 -7.12
CA SER A 106 -6.49 6.45 -8.10
C SER A 106 -7.01 6.86 -9.48
N THR A 107 -6.19 6.64 -10.50
CA THR A 107 -6.54 6.94 -11.87
C THR A 107 -6.27 5.71 -12.71
N ALA A 108 -6.61 4.55 -12.12
CA ALA A 108 -6.41 3.26 -12.75
C ALA A 108 -7.43 3.08 -13.86
N LYS A 109 -7.01 2.48 -14.95
CA LYS A 109 -7.92 2.25 -16.06
C LYS A 109 -7.41 1.10 -16.92
N PRO A 110 -8.28 0.53 -17.76
CA PRO A 110 -7.91 -0.52 -18.69
C PRO A 110 -6.57 -0.23 -19.38
N HIS A 111 -5.65 -1.18 -19.25
CA HIS A 111 -4.37 -1.10 -19.93
C HIS A 111 -4.13 -2.37 -20.74
N PHE A 112 -3.31 -2.27 -21.79
CA PHE A 112 -3.07 -3.39 -22.69
C PHE A 112 -2.20 -4.49 -22.10
N LYS A 113 -1.60 -4.25 -20.94
CA LYS A 113 -0.72 -5.24 -20.31
C LYS A 113 -0.87 -5.22 -18.79
N ILE A 114 -1.29 -4.10 -18.22
CA ILE A 114 -1.43 -4.04 -16.78
C ILE A 114 -2.90 -4.12 -16.36
N PRO A 115 -3.19 -5.06 -15.44
CA PRO A 115 -4.51 -5.23 -14.81
C PRO A 115 -4.83 -4.13 -13.82
N GLU A 116 -6.06 -3.65 -13.84
CA GLU A 116 -6.45 -2.57 -12.96
C GLU A 116 -6.23 -3.00 -11.51
N TRP A 117 -6.06 -4.30 -11.31
CA TRP A 117 -5.81 -4.82 -9.98
C TRP A 117 -4.46 -4.34 -9.49
N GLU A 118 -3.44 -4.47 -10.35
CA GLU A 118 -2.08 -4.10 -10.01
C GLU A 118 -1.93 -2.58 -9.91
N GLN A 119 -2.78 -1.85 -10.65
CA GLN A 119 -2.74 -0.39 -10.65
C GLN A 119 -3.41 0.09 -9.39
N VAL A 120 -4.24 -0.77 -8.83
CA VAL A 120 -4.94 -0.49 -7.59
C VAL A 120 -4.05 -0.81 -6.39
N MSE A 121 -3.27 -1.89 -6.49
CA MSE A 121 -2.37 -2.30 -5.41
C MSE A 121 -1.36 -1.21 -5.20
O MSE A 121 -0.85 -1.02 -4.09
CB MSE A 121 -1.65 -3.61 -5.75
CG MSE A 121 -2.50 -4.86 -5.63
SE MSE A 121 -3.69 -4.83 -4.10
CE MSE A 121 -2.53 -5.74 -2.86
N SER A 122 -1.07 -0.48 -6.27
CA SER A 122 -0.05 0.55 -6.27
C SER A 122 -0.55 1.75 -5.50
N ALA A 123 -1.78 2.17 -5.77
CA ALA A 123 -2.38 3.30 -5.04
C ALA A 123 -2.54 2.93 -3.58
N GLY A 124 -2.75 1.64 -3.31
CA GLY A 124 -2.81 1.15 -1.96
C GLY A 124 -1.50 1.46 -1.28
N ALA A 125 -0.42 1.14 -1.99
CA ALA A 125 0.94 1.23 -1.50
C ALA A 125 1.45 2.68 -1.44
N VAL A 126 1.03 3.49 -2.41
CA VAL A 126 1.43 4.90 -2.46
C VAL A 126 0.83 5.67 -1.30
N CYS A 127 -0.30 5.19 -0.78
CA CYS A 127 -0.95 5.83 0.35
C CYS A 127 -0.15 5.62 1.63
N LEU A 128 0.47 4.45 1.76
CA LEU A 128 1.31 4.17 2.92
C LEU A 128 2.66 4.90 2.79
N ASN A 129 3.17 5.00 1.57
CA ASN A 129 4.41 5.70 1.29
C ASN A 129 4.34 7.20 1.63
N VAL A 130 3.13 7.74 1.62
CA VAL A 130 2.89 9.12 2.01
C VAL A 130 2.97 9.23 3.52
N ILE A 131 2.34 8.26 4.21
CA ILE A 131 2.38 8.22 5.68
C ILE A 131 3.81 8.01 6.13
N PHE A 132 4.51 7.10 5.44
CA PHE A 132 5.93 6.88 5.65
C PHE A 132 6.80 8.14 5.46
N ALA A 133 6.55 8.90 4.39
CA ALA A 133 7.30 10.13 4.16
C ALA A 133 6.94 11.24 5.15
N ALA A 134 5.67 11.29 5.57
CA ALA A 134 5.21 12.27 6.53
C ALA A 134 5.81 12.05 7.93
N ASN A 135 5.76 10.82 8.41
CA ASN A 135 6.37 10.51 9.70
C ASN A 135 7.88 10.75 9.63
N ALA A 136 8.50 10.35 8.54
CA ALA A 136 9.93 10.53 8.37
C ALA A 136 10.32 12.03 8.27
N SER A 137 9.33 12.86 7.97
CA SER A 137 9.57 14.28 7.78
C SER A 137 9.17 15.11 9.00
N GLY A 138 8.76 14.42 10.05
CA GLY A 138 8.46 15.09 11.31
C GLY A 138 6.98 15.29 11.57
N PHE A 139 6.12 14.82 10.69
CA PHE A 139 4.70 15.02 10.92
C PHE A 139 3.94 13.72 11.19
N ALA A 140 2.79 13.85 11.84
CA ALA A 140 1.88 12.74 12.11
C ALA A 140 0.78 12.68 11.05
N ALA A 141 0.26 11.49 10.77
CA ALA A 141 -0.75 11.36 9.71
C ALA A 141 -1.92 10.42 10.01
N ASN A 142 -3.08 10.77 9.47
CA ASN A 142 -4.25 9.91 9.54
C ASN A 142 -4.75 9.68 8.12
N TRP A 143 -5.06 8.42 7.81
CA TRP A 143 -5.53 8.05 6.49
C TRP A 143 -7.02 7.77 6.61
N LEU A 144 -7.85 8.71 6.17
CA LEU A 144 -9.29 8.50 6.20
C LEU A 144 -9.87 8.33 4.81
N THR A 145 -11.13 7.90 4.77
CA THR A 145 -11.98 8.11 3.62
C THR A 145 -13.36 8.08 4.19
N GLU A 146 -13.89 9.22 4.57
CA GLU A 146 -15.24 9.17 5.07
C GLU A 146 -16.13 9.12 3.85
N TRP A 147 -17.43 9.30 4.05
CA TRP A 147 -18.36 9.25 2.93
C TRP A 147 -17.94 10.20 1.80
N LEU A 148 -17.23 11.27 2.15
CA LEU A 148 -16.71 12.23 1.19
C LEU A 148 -15.92 11.57 0.08
N ALA A 149 -15.44 10.35 0.32
CA ALA A 149 -14.66 9.65 -0.70
C ALA A 149 -15.56 9.07 -1.79
N PHE A 150 -16.84 8.86 -1.46
CA PHE A 150 -17.74 8.11 -2.32
C PHE A 150 -18.95 8.91 -2.77
N ASP A 151 -19.40 9.83 -1.92
CA ASP A 151 -20.54 10.70 -2.22
C ASP A 151 -20.29 11.56 -3.46
N PRO A 152 -21.02 11.26 -4.55
CA PRO A 152 -20.80 11.80 -5.90
C PRO A 152 -21.02 13.29 -6.03
N ALA A 153 -21.81 13.86 -5.11
CA ALA A 153 -22.07 15.29 -5.10
C ALA A 153 -20.84 16.07 -4.57
N PHE A 154 -20.02 15.38 -3.78
CA PHE A 154 -18.80 15.99 -3.25
C PHE A 154 -17.61 15.74 -4.18
N LEU A 155 -17.58 14.55 -4.77
CA LEU A 155 -16.49 14.18 -5.67
C LEU A 155 -16.42 15.08 -6.89
N ALA A 156 -17.58 15.57 -7.30
CA ALA A 156 -17.68 16.49 -8.43
C ALA A 156 -17.13 17.85 -8.05
N GLU A 157 -17.32 18.23 -6.80
CA GLU A 157 -16.89 19.53 -6.29
C GLU A 157 -15.38 19.61 -6.12
N ILE A 158 -14.70 18.47 -6.17
CA ILE A 158 -13.25 18.49 -6.00
C ILE A 158 -12.47 17.96 -7.20
N GLY A 159 -13.19 17.54 -8.24
CA GLY A 159 -12.58 17.30 -9.53
C GLY A 159 -12.17 15.89 -9.87
N VAL A 160 -12.51 14.93 -9.01
CA VAL A 160 -12.29 13.52 -9.32
C VAL A 160 -13.47 13.00 -10.11
N SER A 161 -13.19 12.46 -11.29
CA SER A 161 -14.22 12.08 -12.26
C SER A 161 -14.98 10.77 -11.97
N ALA A 162 -15.61 10.22 -12.99
CA ALA A 162 -16.25 8.91 -12.88
C ALA A 162 -15.17 7.85 -13.05
N GLU A 163 -14.16 8.19 -13.84
CA GLU A 163 -13.08 7.29 -14.19
C GLU A 163 -12.04 7.16 -13.06
N GLU A 164 -12.26 7.88 -11.97
CA GLU A 164 -11.31 7.85 -10.87
C GLU A 164 -11.98 7.51 -9.54
N LYS A 165 -11.21 6.93 -8.64
CA LYS A 165 -11.67 6.69 -7.29
C LYS A 165 -10.69 7.33 -6.33
N VAL A 166 -11.18 8.01 -5.31
CA VAL A 166 -10.26 8.48 -4.28
C VAL A 166 -9.86 7.30 -3.42
N ALA A 167 -8.56 7.18 -3.18
CA ALA A 167 -7.98 6.12 -2.38
C ALA A 167 -7.97 6.48 -0.89
N GLY A 168 -7.79 7.76 -0.60
CA GLY A 168 -7.76 8.23 0.77
C GLY A 168 -7.53 9.73 0.89
N TYR A 169 -8.03 10.30 1.98
CA TYR A 169 -7.67 11.65 2.41
C TYR A 169 -6.66 11.50 3.53
N ILE A 170 -5.47 12.03 3.31
CA ILE A 170 -4.38 11.89 4.25
C ILE A 170 -4.18 13.21 4.98
N HIS A 171 -4.68 13.28 6.21
CA HIS A 171 -4.51 14.47 7.02
C HIS A 171 -3.13 14.50 7.68
N ILE A 172 -2.40 15.57 7.45
CA ILE A 172 -1.04 15.70 7.93
C ILE A 172 -0.97 16.85 8.92
N GLY A 173 -0.29 16.63 10.04
CA GLY A 173 -0.08 17.71 10.99
C GLY A 173 0.98 17.37 12.01
N SER A 174 1.04 18.15 13.06
CA SER A 174 1.87 17.80 14.20
C SER A 174 0.93 17.24 15.23
N THR A 175 1.45 16.80 16.38
CA THR A 175 0.57 16.43 17.47
C THR A 175 1.29 16.37 18.81
N THR A 176 0.55 16.66 19.89
CA THR A 176 1.11 16.63 21.23
C THR A 176 0.57 15.44 22.00
N PHE A 177 0.07 14.46 21.26
CA PHE A 177 -0.58 13.31 21.85
C PHE A 177 0.19 12.01 21.73
N PRO A 178 0.32 11.30 22.87
CA PRO A 178 1.07 10.05 23.00
C PRO A 178 0.37 8.96 22.22
N PRO A 179 1.14 8.17 21.46
CA PRO A 179 0.53 7.14 20.62
C PRO A 179 0.10 6.00 21.52
N VAL A 180 -1.13 5.52 21.39
CA VAL A 180 -1.51 4.30 22.10
C VAL A 180 -1.77 3.16 21.12
N GLU A 181 -1.35 1.95 21.46
CA GLU A 181 -1.46 0.83 20.51
C GLU A 181 -2.87 0.25 20.41
N ARG A 182 -3.22 -0.20 19.20
CA ARG A 182 -4.47 -0.91 18.96
C ARG A 182 -4.16 -2.38 18.69
N PRO A 183 -5.19 -3.25 18.76
CA PRO A 183 -4.95 -4.69 18.62
C PRO A 183 -4.43 -5.02 17.24
N ARG A 184 -3.42 -5.89 17.15
CA ARG A 184 -2.89 -6.37 15.86
C ARG A 184 -3.25 -7.83 15.61
N PRO A 185 -3.29 -8.25 14.33
CA PRO A 185 -3.51 -9.64 13.88
C PRO A 185 -2.43 -10.62 14.37
N GLU A 186 -2.82 -11.85 14.71
CA GLU A 186 -1.89 -12.86 15.20
C GLU A 186 -1.43 -13.72 14.05
N LEU A 187 -0.16 -14.10 14.04
CA LEU A 187 0.34 -14.85 12.89
C LEU A 187 -0.18 -16.29 12.77
N ALA A 188 -0.70 -16.87 13.84
CA ALA A 188 -1.39 -18.15 13.67
C ALA A 188 -2.69 -17.95 12.90
N ASP A 189 -3.21 -16.73 12.98
CA ASP A 189 -4.48 -16.40 12.34
C ASP A 189 -4.33 -16.00 10.89
N VAL A 190 -3.20 -15.42 10.51
CA VAL A 190 -3.07 -14.94 9.14
C VAL A 190 -1.96 -15.57 8.29
N VAL A 191 -0.90 -16.07 8.90
CA VAL A 191 0.14 -16.67 8.07
C VAL A 191 0.11 -18.19 8.08
N THR A 192 0.51 -18.78 6.96
CA THR A 192 0.45 -20.22 6.77
C THR A 192 1.71 -20.65 6.02
N TRP A 193 2.34 -21.73 6.48
CA TRP A 193 3.66 -22.13 5.99
C TRP A 193 3.58 -23.33 5.06
N VAL A 194 4.56 -23.45 4.17
CA VAL A 194 4.69 -24.65 3.31
C VAL A 194 6.13 -24.91 2.90
N GLY A 195 6.59 -26.14 3.16
CA GLY A 195 7.96 -26.54 2.88
C GLY A 195 8.95 -26.03 3.90
N ASP A 196 10.07 -26.72 4.05
CA ASP A 196 11.20 -26.23 4.88
C ASP A 196 12.57 -26.71 4.44
N SER B 7 23.79 -2.49 8.26
CA SER B 7 22.38 -2.94 8.19
C SER B 7 21.47 -2.12 9.11
N ASP B 8 22.09 -1.25 9.90
CA ASP B 8 21.37 -0.29 10.74
C ASP B 8 21.10 1.03 10.01
N ILE B 9 20.12 1.01 9.12
CA ILE B 9 19.76 2.13 8.27
C ILE B 9 18.70 3.04 8.89
N LYS B 10 18.68 4.30 8.49
CA LYS B 10 17.73 5.28 9.04
C LYS B 10 16.59 5.56 8.05
N LEU B 11 15.41 5.85 8.58
CA LEU B 11 14.18 5.93 7.79
C LEU B 11 14.15 6.98 6.67
N LEU B 12 14.58 8.20 6.99
CA LEU B 12 14.59 9.25 5.98
C LEU B 12 15.57 8.96 4.84
N ASP B 13 16.78 8.49 5.14
CA ASP B 13 17.72 8.19 4.05
C ASP B 13 17.12 7.05 3.24
N TYR B 14 16.55 6.07 3.95
CA TYR B 14 15.97 4.88 3.34
C TYR B 14 14.91 5.20 2.29
N LEU B 15 13.95 6.05 2.65
CA LEU B 15 12.92 6.46 1.70
C LEU B 15 13.48 7.05 0.40
N ARG B 16 14.73 7.51 0.42
CA ARG B 16 15.36 8.15 -0.73
C ARG B 16 16.05 7.19 -1.71
N VAL B 17 16.38 6.00 -1.22
CA VAL B 17 17.21 5.09 -2.00
C VAL B 17 16.48 3.79 -2.29
N ARG B 18 15.43 3.50 -1.51
CA ARG B 18 14.67 2.26 -1.60
C ARG B 18 14.47 1.81 -3.05
N ARG B 19 15.03 0.65 -3.41
CA ARG B 19 14.84 0.11 -4.76
C ARG B 19 14.62 -1.39 -4.77
N SER B 20 13.60 -1.81 -5.51
CA SER B 20 13.35 -3.23 -5.72
C SER B 20 14.50 -3.80 -6.51
N THR B 21 14.98 -4.98 -6.14
CA THR B 21 15.89 -5.70 -6.98
C THR B 21 15.10 -6.90 -7.46
N PRO B 22 15.28 -7.29 -8.75
CA PRO B 22 14.42 -8.30 -9.38
C PRO B 22 14.61 -9.68 -8.78
N ALA B 23 13.57 -10.50 -8.82
CA ALA B 23 13.66 -11.84 -8.25
C ALA B 23 14.84 -12.57 -8.85
N LEU B 24 14.90 -12.61 -10.17
CA LEU B 24 16.02 -13.23 -10.86
C LEU B 24 17.41 -13.03 -10.23
N GLN B 25 17.73 -11.82 -9.79
CA GLN B 25 19.01 -11.61 -9.11
C GLN B 25 18.92 -11.55 -7.58
N LEU B 26 17.95 -12.27 -7.02
CA LEU B 26 17.85 -12.53 -5.58
C LEU B 26 18.56 -13.83 -5.25
N SER B 27 19.23 -13.88 -4.09
CA SER B 27 20.10 -15.00 -3.78
C SER B 27 19.99 -15.57 -2.38
N GLU B 28 20.54 -16.77 -2.23
CA GLU B 28 20.66 -17.45 -0.96
C GLU B 28 21.63 -16.62 -0.09
N PRO B 29 21.40 -16.52 1.23
CA PRO B 29 20.39 -17.12 2.08
C PRO B 29 19.14 -16.27 2.19
N GLY B 30 18.02 -16.89 2.54
CA GLY B 30 16.82 -16.13 2.81
C GLY B 30 16.70 -15.97 4.31
N PRO B 31 15.59 -15.39 4.77
CA PRO B 31 15.31 -15.27 6.20
C PRO B 31 15.01 -16.62 6.86
N SER B 32 15.49 -16.83 8.07
CA SER B 32 15.12 -18.04 8.81
C SER B 32 13.66 -17.90 9.19
N LYS B 33 13.04 -19.01 9.59
CA LYS B 33 11.64 -18.95 10.00
C LYS B 33 11.53 -17.87 11.05
N GLY B 34 12.52 -17.80 11.92
CA GLY B 34 12.62 -16.76 12.91
C GLY B 34 12.49 -15.38 12.27
N GLU B 35 13.47 -15.02 11.44
CA GLU B 35 13.50 -13.74 10.71
C GLU B 35 12.24 -13.49 9.89
N ILE B 36 11.70 -14.52 9.23
CA ILE B 36 10.46 -14.34 8.48
C ILE B 36 9.28 -14.00 9.39
N GLU B 37 9.18 -14.68 10.53
CA GLU B 37 8.08 -14.42 11.47
C GLU B 37 8.04 -12.95 11.88
N GLU B 38 9.22 -12.37 12.13
CA GLU B 38 9.32 -10.96 12.54
C GLU B 38 8.98 -10.01 11.38
N ILE B 39 9.48 -10.32 10.19
CA ILE B 39 9.14 -9.55 9.01
C ILE B 39 7.63 -9.36 8.86
N LEU B 40 6.88 -10.42 9.13
CA LEU B 40 5.42 -10.41 9.06
C LEU B 40 4.72 -9.84 10.32
N ARG B 41 5.32 -10.07 11.49
CA ARG B 41 4.80 -9.53 12.73
C ARG B 41 4.81 -8.02 12.60
N LEU B 42 5.72 -7.54 11.77
CA LEU B 42 5.99 -6.14 11.52
C LEU B 42 5.13 -5.60 10.37
N ALA B 43 4.82 -6.48 9.42
CA ALA B 43 4.10 -6.13 8.19
C ALA B 43 2.59 -6.04 8.38
N VAL B 44 2.07 -6.70 9.41
CA VAL B 44 0.63 -6.71 9.66
C VAL B 44 0.13 -5.52 10.49
N ARG B 45 1.05 -4.61 10.80
CA ARG B 45 0.66 -3.35 11.40
C ARG B 45 0.43 -2.33 10.30
N VAL B 46 -0.72 -2.40 9.62
CA VAL B 46 -1.05 -1.47 8.53
C VAL B 46 -2.38 -0.81 8.81
N PRO B 47 -2.60 0.38 8.24
CA PRO B 47 -3.95 0.96 8.31
C PRO B 47 -4.97 -0.08 7.84
N ASP B 48 -6.20 -0.01 8.36
CA ASP B 48 -7.11 -1.15 8.28
C ASP B 48 -8.48 -0.78 8.90
N HIS B 49 -9.30 -0.04 8.15
CA HIS B 49 -10.62 0.38 8.63
C HIS B 49 -11.41 -0.85 9.11
N GLY B 50 -12.00 -0.75 10.31
CA GLY B 50 -12.78 -1.83 10.89
C GLY B 50 -11.91 -2.93 11.50
N LYS B 51 -10.61 -2.64 11.64
CA LYS B 51 -9.64 -3.60 12.17
C LYS B 51 -10.00 -5.04 11.84
N LEU B 52 -10.21 -5.32 10.55
CA LEU B 52 -10.68 -6.64 10.14
C LEU B 52 -9.70 -7.41 9.25
N ALA B 53 -8.45 -6.97 9.22
CA ALA B 53 -7.38 -7.73 8.57
C ALA B 53 -7.78 -8.52 7.31
N PRO B 54 -8.10 -7.80 6.22
CA PRO B 54 -8.57 -8.40 4.96
C PRO B 54 -7.44 -8.99 4.14
N TRP B 55 -6.51 -9.70 4.77
CA TRP B 55 -5.41 -10.33 4.05
C TRP B 55 -4.85 -11.55 4.78
N ARG B 56 -4.14 -12.41 4.05
CA ARG B 56 -3.44 -13.55 4.65
C ARG B 56 -2.21 -13.90 3.83
N PHE B 57 -1.23 -14.56 4.46
CA PHE B 57 0.10 -14.80 3.86
C PHE B 57 0.46 -16.28 3.80
N VAL B 58 1.15 -16.67 2.75
CA VAL B 58 1.53 -18.06 2.58
C VAL B 58 3.01 -18.01 2.27
N VAL B 59 3.80 -18.76 3.04
CA VAL B 59 5.25 -18.66 2.97
C VAL B 59 5.88 -19.90 2.35
N TYR B 60 6.35 -19.75 1.11
CA TYR B 60 6.87 -20.87 0.35
C TYR B 60 8.37 -20.97 0.50
N ARG B 61 8.83 -22.12 0.99
CA ARG B 61 10.22 -22.30 1.33
C ARG B 61 10.80 -23.58 0.76
N GLY B 62 12.12 -23.60 0.61
CA GLY B 62 12.81 -24.80 0.18
C GLY B 62 12.17 -25.63 -0.92
N GLU B 63 11.71 -26.82 -0.58
CA GLU B 63 11.34 -27.77 -1.62
C GLU B 63 9.99 -27.48 -2.26
N GLU B 64 9.01 -27.09 -1.44
CA GLU B 64 7.67 -26.85 -1.97
C GLU B 64 7.65 -25.72 -3.00
N ARG B 65 8.78 -25.03 -3.13
CA ARG B 65 8.94 -24.02 -4.18
C ARG B 65 9.09 -24.74 -5.51
N VAL B 66 9.89 -25.80 -5.54
CA VAL B 66 10.08 -26.59 -6.75
C VAL B 66 8.83 -27.37 -7.10
N ARG B 67 8.17 -27.95 -6.10
CA ARG B 67 6.91 -28.62 -6.32
C ARG B 67 5.93 -27.68 -7.07
N LEU B 68 5.86 -26.43 -6.64
CA LEU B 68 4.95 -25.43 -7.21
C LEU B 68 5.36 -24.95 -8.59
N SER B 69 6.64 -24.65 -8.77
CA SER B 69 7.14 -24.24 -10.08
C SER B 69 6.89 -25.38 -11.04
N GLU B 70 7.16 -26.60 -10.57
CA GLU B 70 6.95 -27.80 -11.36
C GLU B 70 5.51 -27.84 -11.84
N ALA B 71 4.58 -27.49 -10.95
CA ALA B 71 3.14 -27.43 -11.24
C ALA B 71 2.79 -26.37 -12.27
N ALA B 72 3.45 -25.22 -12.16
CA ALA B 72 3.25 -24.12 -13.09
C ALA B 72 3.51 -24.64 -14.49
N LEU B 73 4.70 -25.18 -14.67
CA LEU B 73 5.12 -25.80 -15.92
C LEU B 73 4.13 -26.84 -16.44
N ARG B 74 3.55 -27.63 -15.54
CA ARG B 74 2.58 -28.65 -15.95
C ARG B 74 1.37 -27.99 -16.59
N ILE B 75 0.87 -26.96 -15.93
CA ILE B 75 -0.29 -26.20 -16.41
C ILE B 75 0.05 -25.36 -17.62
N ALA B 76 1.33 -24.95 -17.74
CA ALA B 76 1.78 -24.15 -18.86
C ALA B 76 2.03 -25.02 -20.09
N LEU B 77 2.03 -26.33 -19.91
CA LEU B 77 2.11 -27.26 -21.01
C LEU B 77 0.72 -27.74 -21.39
N GLU B 78 -0.13 -27.95 -20.39
CA GLU B 78 -1.54 -28.25 -20.66
C GLU B 78 -2.12 -27.16 -21.55
N LYS B 79 -1.77 -25.91 -21.24
CA LYS B 79 -2.23 -24.78 -22.01
C LYS B 79 -1.69 -24.88 -23.43
N ASN B 80 -0.37 -24.86 -23.56
CA ASN B 80 0.31 -24.82 -24.86
C ASN B 80 1.40 -25.90 -24.95
N PRO B 81 1.08 -27.06 -25.55
CA PRO B 81 1.94 -28.23 -25.34
C PRO B 81 3.31 -28.18 -26.03
N ASP B 82 3.58 -27.10 -26.75
CA ASP B 82 4.88 -26.94 -27.40
C ASP B 82 5.52 -25.57 -27.21
N LEU B 83 6.01 -25.31 -26.01
CA LEU B 83 6.84 -24.14 -25.77
C LEU B 83 8.30 -24.55 -25.66
N ASP B 84 9.21 -23.67 -26.07
CA ASP B 84 10.63 -24.01 -26.11
C ASP B 84 11.12 -24.50 -24.77
N LEU B 85 12.11 -25.38 -24.79
CA LEU B 85 12.78 -25.87 -23.59
C LEU B 85 13.27 -24.69 -22.74
N GLN B 86 13.28 -23.51 -23.36
CA GLN B 86 13.60 -22.27 -22.69
C GLN B 86 12.42 -21.77 -21.85
N GLN B 87 11.28 -21.56 -22.51
CA GLN B 87 10.06 -21.09 -21.84
C GLN B 87 9.60 -22.05 -20.74
N GLN B 88 9.91 -23.33 -20.91
CA GLN B 88 9.59 -24.33 -19.90
C GLN B 88 10.47 -24.13 -18.68
N GLU B 89 11.72 -23.75 -18.91
CA GLU B 89 12.66 -23.51 -17.82
C GLU B 89 12.12 -22.43 -16.89
N ALA B 90 11.85 -21.26 -17.46
CA ALA B 90 11.23 -20.18 -16.73
C ALA B 90 10.13 -20.64 -15.76
N GLU B 91 9.24 -21.51 -16.20
CA GLU B 91 8.10 -21.92 -15.38
C GLU B 91 8.52 -22.83 -14.25
N ARG B 92 9.40 -23.78 -14.53
CA ARG B 92 9.88 -24.67 -13.47
C ARG B 92 10.85 -23.90 -12.58
N THR B 93 10.76 -22.58 -12.66
CA THR B 93 11.69 -21.68 -11.99
C THR B 93 10.97 -20.53 -11.27
N ARG B 94 9.70 -20.32 -11.63
CA ARG B 94 8.86 -19.29 -11.05
C ARG B 94 9.11 -19.04 -9.57
N PHE B 95 9.01 -20.09 -8.74
CA PHE B 95 9.13 -19.90 -7.31
C PHE B 95 10.51 -20.20 -6.71
N THR B 96 11.42 -20.69 -7.55
CA THR B 96 12.77 -21.01 -7.11
C THR B 96 13.79 -19.95 -7.57
N ARG B 97 13.34 -18.70 -7.69
CA ARG B 97 14.24 -17.61 -8.04
C ARG B 97 14.86 -17.02 -6.79
N ALA B 98 14.06 -16.98 -5.72
CA ALA B 98 14.53 -16.47 -4.43
C ALA B 98 14.28 -17.46 -3.29
N PRO B 99 15.19 -17.49 -2.31
CA PRO B 99 15.08 -18.35 -1.13
C PRO B 99 13.65 -18.51 -0.64
N VAL B 100 13.01 -17.40 -0.34
CA VAL B 100 11.64 -17.39 0.17
C VAL B 100 10.69 -16.72 -0.82
N VAL B 101 9.44 -17.14 -0.82
CA VAL B 101 8.40 -16.41 -1.54
C VAL B 101 7.16 -16.30 -0.67
N ILE B 102 6.74 -15.08 -0.36
CA ILE B 102 5.55 -14.90 0.46
C ILE B 102 4.37 -14.41 -0.36
N ALA B 103 3.32 -15.22 -0.42
CA ALA B 103 2.12 -14.82 -1.14
C ALA B 103 1.22 -14.00 -0.22
N VAL B 104 0.94 -12.77 -0.63
CA VAL B 104 -0.04 -11.94 0.06
C VAL B 104 -1.38 -12.08 -0.66
N ILE B 105 -2.39 -12.51 0.09
CA ILE B 105 -3.71 -12.79 -0.45
C ILE B 105 -4.68 -11.76 0.10
N SER B 106 -5.42 -11.11 -0.78
CA SER B 106 -6.50 -10.26 -0.32
C SER B 106 -7.72 -11.14 0.01
N THR B 107 -8.29 -10.94 1.18
CA THR B 107 -9.47 -11.69 1.57
C THR B 107 -10.67 -10.75 1.79
N ALA B 108 -10.90 -9.85 0.84
CA ALA B 108 -11.94 -8.84 0.98
C ALA B 108 -13.30 -9.31 0.51
N LYS B 109 -14.28 -9.17 1.40
CA LYS B 109 -15.65 -9.57 1.14
C LYS B 109 -16.53 -8.45 1.66
N PRO B 110 -17.85 -8.47 1.31
CA PRO B 110 -18.67 -7.35 1.77
C PRO B 110 -18.76 -7.35 3.30
N HIS B 111 -18.43 -6.22 3.90
CA HIS B 111 -18.61 -6.02 5.32
C HIS B 111 -19.85 -5.15 5.46
N PHE B 112 -20.29 -4.92 6.69
CA PHE B 112 -21.52 -4.19 6.91
C PHE B 112 -21.27 -2.68 7.07
N LYS B 113 -19.99 -2.31 7.19
CA LYS B 113 -19.62 -0.92 7.40
C LYS B 113 -18.41 -0.53 6.55
N ILE B 114 -17.49 -1.48 6.35
CA ILE B 114 -16.26 -1.18 5.62
C ILE B 114 -16.39 -1.58 4.17
N PRO B 115 -16.32 -0.59 3.26
CA PRO B 115 -16.38 -0.88 1.82
C PRO B 115 -15.31 -1.87 1.43
N GLU B 116 -15.56 -2.65 0.39
CA GLU B 116 -14.57 -3.62 -0.06
C GLU B 116 -13.37 -2.89 -0.61
N TRP B 117 -13.62 -1.70 -1.17
CA TRP B 117 -12.56 -0.88 -1.72
C TRP B 117 -11.52 -0.50 -0.69
N GLU B 118 -11.96 -0.27 0.54
CA GLU B 118 -11.06 0.15 1.60
C GLU B 118 -10.24 -1.02 2.19
N GLN B 119 -10.72 -2.25 1.96
CA GLN B 119 -10.04 -3.45 2.43
C GLN B 119 -9.07 -3.94 1.38
N VAL B 120 -9.23 -3.40 0.18
CA VAL B 120 -8.31 -3.64 -0.92
C VAL B 120 -7.15 -2.68 -0.85
N MSE B 121 -7.44 -1.46 -0.38
CA MSE B 121 -6.41 -0.44 -0.20
C MSE B 121 -5.46 -0.96 0.82
O MSE B 121 -4.25 -0.83 0.68
CB MSE B 121 -7.01 0.87 0.29
CG MSE B 121 -7.72 1.68 -0.79
SE MSE B 121 -6.66 1.85 -2.43
CE MSE B 121 -5.32 3.07 -1.75
N SER B 122 -6.03 -1.60 1.85
CA SER B 122 -5.23 -2.19 2.91
C SER B 122 -4.30 -3.33 2.45
N ALA B 123 -4.68 -4.03 1.38
CA ALA B 123 -3.86 -5.13 0.85
C ALA B 123 -2.64 -4.60 0.10
N GLY B 124 -2.84 -3.50 -0.63
CA GLY B 124 -1.76 -2.83 -1.35
C GLY B 124 -0.78 -2.35 -0.32
N ALA B 125 -1.32 -1.73 0.71
CA ALA B 125 -0.56 -1.25 1.85
C ALA B 125 0.33 -2.34 2.42
N VAL B 126 -0.27 -3.49 2.70
CA VAL B 126 0.43 -4.61 3.32
C VAL B 126 1.62 -5.14 2.49
N CYS B 127 1.53 -5.07 1.16
CA CYS B 127 2.61 -5.60 0.32
C CYS B 127 3.84 -4.74 0.40
N LEU B 128 3.66 -3.43 0.38
CA LEU B 128 4.78 -2.51 0.53
C LEU B 128 5.37 -2.72 1.92
N ASN B 129 4.49 -2.68 2.91
CA ASN B 129 4.87 -2.90 4.29
C ASN B 129 5.73 -4.15 4.49
N VAL B 130 5.44 -5.23 3.78
CA VAL B 130 6.32 -6.40 3.76
C VAL B 130 7.71 -6.13 3.17
N ILE B 131 7.74 -5.51 1.98
CA ILE B 131 8.98 -5.00 1.41
C ILE B 131 9.79 -4.18 2.41
N PHE B 132 9.11 -3.27 3.14
CA PHE B 132 9.76 -2.47 4.16
C PHE B 132 10.35 -3.34 5.27
N ALA B 133 9.55 -4.29 5.74
CA ALA B 133 9.99 -5.22 6.76
C ALA B 133 11.17 -6.08 6.30
N ALA B 134 11.11 -6.58 5.07
CA ALA B 134 12.18 -7.37 4.47
C ALA B 134 13.45 -6.55 4.26
N ASN B 135 13.29 -5.36 3.69
CA ASN B 135 14.44 -4.48 3.52
C ASN B 135 15.03 -4.20 4.91
N ALA B 136 14.15 -3.88 5.87
CA ALA B 136 14.60 -3.47 7.20
C ALA B 136 15.35 -4.58 7.92
N SER B 137 15.27 -5.80 7.41
CA SER B 137 15.85 -6.96 8.07
C SER B 137 17.08 -7.44 7.33
N GLY B 138 17.48 -6.70 6.32
CA GLY B 138 18.70 -7.01 5.58
C GLY B 138 18.48 -7.86 4.33
N PHE B 139 17.24 -7.85 3.82
CA PHE B 139 16.89 -8.63 2.62
C PHE B 139 16.23 -7.81 1.53
N ALA B 140 16.66 -8.02 0.29
CA ALA B 140 16.03 -7.39 -0.85
C ALA B 140 14.69 -8.07 -1.09
N ALA B 141 13.89 -7.51 -1.98
CA ALA B 141 12.55 -8.02 -2.20
C ALA B 141 11.96 -7.46 -3.48
N ASN B 142 11.31 -8.34 -4.25
CA ASN B 142 10.65 -7.97 -5.48
C ASN B 142 9.19 -8.37 -5.43
N TRP B 143 8.32 -7.43 -5.79
CA TRP B 143 6.89 -7.65 -5.77
C TRP B 143 6.39 -8.09 -7.16
N LEU B 144 6.25 -9.38 -7.36
CA LEU B 144 5.74 -9.89 -8.64
C LEU B 144 4.31 -10.38 -8.53
N THR B 145 3.66 -10.47 -9.68
CA THR B 145 2.38 -11.16 -9.84
C THR B 145 2.26 -11.45 -11.32
N GLU B 146 2.49 -12.70 -11.69
CA GLU B 146 2.56 -12.98 -13.12
C GLU B 146 1.30 -13.74 -13.54
N TRP B 147 1.37 -14.64 -14.52
CA TRP B 147 0.14 -15.35 -14.87
C TRP B 147 -0.37 -16.11 -13.67
N LEU B 148 0.59 -16.51 -12.83
CA LEU B 148 0.37 -17.33 -11.66
C LEU B 148 -0.47 -16.67 -10.54
N ALA B 149 -0.75 -15.38 -10.68
CA ALA B 149 -1.54 -14.66 -9.69
C ALA B 149 -3.02 -14.64 -10.08
N PHE B 150 -3.29 -14.95 -11.35
CA PHE B 150 -4.64 -14.78 -11.88
C PHE B 150 -5.19 -16.08 -12.49
N ASP B 151 -4.28 -16.94 -12.95
CA ASP B 151 -4.64 -18.22 -13.55
C ASP B 151 -5.38 -19.11 -12.53
N PRO B 152 -6.65 -19.49 -12.82
CA PRO B 152 -7.52 -20.14 -11.83
C PRO B 152 -7.11 -21.57 -11.59
N ALA B 153 -6.46 -22.15 -12.60
CA ALA B 153 -5.93 -23.49 -12.52
C ALA B 153 -4.94 -23.60 -11.38
N PHE B 154 -3.99 -22.67 -11.38
CA PHE B 154 -2.90 -22.61 -10.40
C PHE B 154 -3.36 -22.13 -9.03
N LEU B 155 -4.20 -21.10 -9.02
CA LEU B 155 -4.76 -20.58 -7.78
C LEU B 155 -5.41 -21.68 -6.94
N ALA B 156 -5.99 -22.64 -7.64
CA ALA B 156 -6.71 -23.75 -7.00
C ALA B 156 -5.74 -24.76 -6.39
N GLU B 157 -4.58 -24.91 -7.03
CA GLU B 157 -3.53 -25.77 -6.48
C GLU B 157 -2.81 -25.13 -5.29
N ILE B 158 -2.85 -23.81 -5.17
CA ILE B 158 -2.20 -23.17 -4.02
C ILE B 158 -3.21 -22.82 -2.95
N GLY B 159 -4.48 -23.06 -3.26
CA GLY B 159 -5.52 -22.92 -2.26
C GLY B 159 -6.08 -21.53 -2.08
N VAL B 160 -6.03 -20.73 -3.14
CA VAL B 160 -6.60 -19.39 -3.11
C VAL B 160 -8.04 -19.42 -3.61
N SER B 161 -8.98 -19.30 -2.66
CA SER B 161 -10.40 -19.48 -2.95
C SER B 161 -10.94 -18.57 -4.06
N ALA B 162 -12.26 -18.57 -4.25
CA ALA B 162 -12.86 -17.73 -5.26
C ALA B 162 -13.17 -16.35 -4.70
N GLU B 163 -13.59 -16.30 -3.45
CA GLU B 163 -13.79 -15.02 -2.75
C GLU B 163 -12.46 -14.27 -2.51
N GLU B 164 -11.35 -14.85 -2.96
CA GLU B 164 -10.03 -14.26 -2.73
C GLU B 164 -9.27 -13.93 -4.01
N LYS B 165 -8.31 -13.00 -3.89
CA LYS B 165 -7.39 -12.61 -4.98
C LYS B 165 -5.98 -12.50 -4.42
N VAL B 166 -4.98 -12.76 -5.25
CA VAL B 166 -3.59 -12.62 -4.81
C VAL B 166 -3.05 -11.20 -4.95
N ALA B 167 -2.76 -10.58 -3.81
CA ALA B 167 -2.20 -9.23 -3.75
C ALA B 167 -0.84 -9.18 -4.45
N GLY B 168 -0.04 -10.22 -4.25
CA GLY B 168 1.23 -10.31 -4.94
C GLY B 168 2.09 -11.42 -4.41
N TYR B 169 3.10 -11.80 -5.18
CA TYR B 169 4.11 -12.75 -4.72
C TYR B 169 5.35 -12.00 -4.40
N ILE B 170 5.67 -11.95 -3.13
CA ILE B 170 6.83 -11.19 -2.73
C ILE B 170 8.03 -12.12 -2.58
N HIS B 171 8.90 -12.09 -3.59
CA HIS B 171 10.16 -12.82 -3.59
C HIS B 171 11.22 -12.10 -2.76
N ILE B 172 11.83 -12.81 -1.84
CA ILE B 172 12.74 -12.20 -0.86
C ILE B 172 14.04 -13.00 -0.79
N GLY B 173 15.16 -12.30 -0.82
CA GLY B 173 16.44 -12.97 -0.76
C GLY B 173 17.54 -12.01 -0.38
N SER B 174 18.78 -12.44 -0.60
CA SER B 174 19.91 -11.58 -0.31
C SER B 174 20.43 -11.00 -1.61
N THR B 175 20.94 -9.79 -1.56
CA THR B 175 21.44 -9.14 -2.77
C THR B 175 22.85 -8.64 -2.53
N THR B 176 23.68 -8.74 -3.57
CA THR B 176 25.11 -8.44 -3.48
C THR B 176 25.43 -6.96 -3.80
N PHE B 177 24.95 -6.50 -4.96
CA PHE B 177 25.10 -5.09 -5.35
C PHE B 177 23.75 -4.39 -5.33
N PRO B 178 23.75 -3.08 -4.99
CA PRO B 178 22.51 -2.30 -4.99
C PRO B 178 22.00 -2.13 -6.41
N PRO B 179 20.67 -1.92 -6.55
CA PRO B 179 20.03 -1.78 -7.86
C PRO B 179 20.17 -0.35 -8.37
N VAL B 180 20.22 -0.23 -9.68
CA VAL B 180 20.25 1.07 -10.31
C VAL B 180 18.84 1.66 -10.19
N GLU B 181 18.77 2.96 -9.96
CA GLU B 181 17.48 3.63 -9.91
C GLU B 181 16.79 3.74 -11.28
N ARG B 182 15.47 3.93 -11.25
CA ARG B 182 14.68 4.12 -12.44
C ARG B 182 13.99 5.46 -12.27
N PRO B 183 13.62 6.08 -13.38
CA PRO B 183 12.80 7.30 -13.48
C PRO B 183 11.56 7.26 -12.62
N ARG B 184 11.29 8.36 -11.93
CA ARG B 184 10.06 8.50 -11.17
C ARG B 184 9.23 9.62 -11.78
N PRO B 185 7.96 9.74 -11.35
CA PRO B 185 7.05 10.75 -11.88
C PRO B 185 7.51 12.17 -11.54
N GLU B 186 7.13 13.13 -12.37
CA GLU B 186 7.40 14.52 -12.05
C GLU B 186 6.20 15.06 -11.31
N LEU B 187 6.42 15.62 -10.12
CA LEU B 187 5.32 16.14 -9.31
C LEU B 187 4.43 17.06 -10.13
N ALA B 188 5.06 17.84 -11.02
CA ALA B 188 4.36 18.74 -11.92
C ALA B 188 3.25 18.04 -12.71
N ASP B 189 3.48 16.79 -13.11
CA ASP B 189 2.49 15.97 -13.82
C ASP B 189 1.42 15.39 -12.89
N VAL B 190 1.83 14.92 -11.72
CA VAL B 190 0.93 14.14 -10.85
C VAL B 190 0.35 14.84 -9.60
N VAL B 191 0.80 16.04 -9.26
CA VAL B 191 0.19 16.75 -8.13
C VAL B 191 -0.34 18.15 -8.48
N THR B 192 -1.60 18.41 -8.13
CA THR B 192 -2.18 19.74 -8.28
C THR B 192 -2.40 20.33 -6.89
N TRP B 193 -2.24 21.65 -6.79
CA TRP B 193 -2.29 22.32 -5.48
C TRP B 193 -3.50 23.23 -5.37
N VAL B 194 -4.20 23.13 -4.23
CA VAL B 194 -5.38 23.94 -3.97
C VAL B 194 -5.27 24.68 -2.63
N GLY B 195 -5.21 26.00 -2.67
CA GLY B 195 -5.06 26.81 -1.47
C GLY B 195 -3.65 27.29 -1.19
N ASP B 196 -3.54 28.34 -0.38
CA ASP B 196 -2.23 28.87 -0.04
C ASP B 196 -2.16 29.44 1.38
N VAL B 197 -0.94 29.80 1.79
CA VAL B 197 -0.68 30.25 3.15
C VAL B 197 0.35 31.36 3.14
S SO4 C . 4.60 27.80 2.69
O1 SO4 C . 4.33 27.60 4.12
O2 SO4 C . 4.94 26.54 2.06
O3 SO4 C . 3.41 28.35 2.04
O4 SO4 C . 5.74 28.70 2.49
S SO4 D . -7.06 4.54 15.03
O1 SO4 D . -7.39 3.39 15.87
O2 SO4 D . -8.08 4.72 13.99
O3 SO4 D . -7.03 5.76 15.85
O4 SO4 D . -5.75 4.36 14.42
S SO4 E . -17.70 8.36 9.87
O1 SO4 E . -18.60 7.57 10.70
O2 SO4 E . -16.34 7.84 10.07
O3 SO4 E . -18.07 8.21 8.46
O4 SO4 E . -17.78 9.77 10.26
N1 FMN F . -10.65 5.45 10.38
C2 FMN F . -11.74 6.44 10.79
O2 FMN F . -11.95 6.69 12.14
N3 FMN F . -12.60 7.13 9.72
C4 FMN F . -12.38 6.83 8.30
O4 FMN F . -13.15 7.40 7.28
C4A FMN F . -11.29 5.85 7.90
N5 FMN F . -11.06 5.55 6.38
C5A FMN F . -9.99 4.58 5.98
C6 FMN F . -9.75 4.25 4.43
C7 FMN F . -8.60 3.21 4.03
C7M FMN F . -8.38 2.90 2.52
C8 FMN F . -7.71 2.51 5.14
C8M FMN F . -6.58 1.53 4.76
C9 FMN F . -7.95 2.83 6.68
C9A FMN F . -9.10 3.88 7.07
N10 FMN F . -9.34 4.18 8.55
C10 FMN F . -10.43 5.16 8.98
C1' FMN F . -8.50 3.54 9.55
C2' FMN F . -7.25 4.36 9.93
O2' FMN F . -6.62 4.92 9.11
C3' FMN F . -6.54 3.94 11.21
O3' FMN F . -5.62 4.97 11.51
C4' FMN F . -5.82 2.61 10.93
O4' FMN F . -6.75 1.57 11.15
C5' FMN F . -4.70 2.54 12.00
O5' FMN F . -3.68 1.63 11.62
P FMN F . -2.19 1.87 12.29
O1P FMN F . -1.21 0.57 12.00
O2P FMN F . -2.35 2.08 13.92
O3P FMN F . -1.61 3.08 11.70
S SO4 G . 12.35 -3.08 -12.09
O1 SO4 G . 12.47 -3.16 -10.64
O2 SO4 G . 11.78 -4.33 -12.57
O3 SO4 G . 11.52 -1.93 -12.50
O4 SO4 G . 13.70 -2.93 -12.63
S SO4 H . 6.07 -12.98 -17.70
O1 SO4 H . 7.28 -13.75 -17.36
O2 SO4 H . 6.00 -12.89 -19.15
O3 SO4 H . 4.88 -13.69 -17.21
O4 SO4 H . 6.15 -11.62 -17.13
S SO4 I . 14.92 -22.08 9.83
O1 SO4 I . 13.88 -23.12 9.88
O2 SO4 I . 16.22 -22.67 9.57
O3 SO4 I . 14.65 -21.17 8.72
O4 SO4 I . 14.94 -21.31 11.09
S SO4 J . -10.74 1.59 13.06
O1 SO4 J . -11.44 0.82 14.08
O2 SO4 J . -11.39 1.37 11.78
O3 SO4 J . -10.82 3.00 13.38
O4 SO4 J . -9.33 1.19 12.97
N1 FMN K . 7.47 -6.39 -12.33
C2 FMN K . 7.82 -7.55 -13.25
O2 FMN K . 9.02 -7.55 -13.95
N3 FMN K . 6.85 -8.72 -13.36
C4 FMN K . 5.58 -8.73 -12.62
O4 FMN K . 4.66 -9.76 -12.79
C4A FMN K . 5.25 -7.56 -11.72
N5 FMN K . 3.90 -7.55 -10.92
C5A FMN K . 3.57 -6.39 -10.03
C6 FMN K . 2.20 -6.36 -9.22
C7 FMN K . 1.85 -5.11 -8.26
C7M FMN K . 0.51 -5.08 -7.50
C8 FMN K . 2.88 -3.91 -8.12
C8M FMN K . 2.54 -2.72 -7.18
C9 FMN K . 4.25 -3.94 -8.94
C9A FMN K . 4.58 -5.19 -9.89
N10 FMN K . 5.89 -5.23 -10.68
C10 FMN K . 6.23 -6.40 -11.59
C1' FMN K . 6.87 -4.14 -10.55
C2' FMN K . 8.03 -4.40 -9.56
O2' FMN K . 7.83 -4.70 -8.43
C3' FMN K . 9.20 -3.47 -9.77
O3' FMN K . 10.32 -4.04 -9.14
C4' FMN K . 8.70 -2.20 -9.04
O4' FMN K . 7.70 -1.56 -9.81
C5' FMN K . 9.87 -1.24 -8.83
O5' FMN K . 9.44 -0.38 -7.81
P FMN K . 10.58 0.35 -6.87
O1P FMN K . 11.83 0.80 -7.85
O2P FMN K . 11.08 -0.71 -5.69
O3P FMN K . 9.97 1.49 -6.23
#